data_6ZBM
#
_entry.id   6ZBM
#
_cell.length_a   43.768
_cell.length_b   66.121
_cell.length_c   49.397
_cell.angle_alpha   90.000
_cell.angle_beta   100.230
_cell.angle_gamma   90.000
#
_symmetry.space_group_name_H-M   'P 1 21 1'
#
loop_
_entity.id
_entity.type
_entity.pdbx_description
1 polymer Alpha-1,6-mannanase
2 non-polymer 1,2-ETHANEDIOL
3 non-polymer (1~{R},2~{R},3~{R},4~{S},5~{R})-4-[[(1~{S},2~{S},3~{S},4~{R},5~{R})-5-(hydroxymethyl)-2,3,4-tris(oxidanyl)cyclohexyl]oxymethyl]cyclohexane-1,2,3,5-tetrol
4 non-polymer alpha-D-mannopyranose
5 water water
#
_entity_poly.entity_id   1
_entity_poly.type   'polypeptide(L)'
_entity_poly.pdbx_seq_one_letter_code
;MGSSHHHHHHSSGLEVLFQGPAYTASDGDTAMKAFNDTFWDPNAKMFWKDSKREKHQDFWVEAELWELVMDAYQHTSDPA
LKAELKTQIDDVYDGTVAKYGQDWTNNPFNDNIMWWAMGSARAYQITGNPRYLEAARDHFDFVYDTQWDEEFANGGIWWL
NSDHNTKNACINFPAAQAALYLYDITKDEHYLNAATKIFRWGKTMLTDGNGKVFDRIEIEHGAVPDATHYNQGTYIGSAV
GLYKATGNAVYLDDAVKAAKFTKNHLVDSNGVLNYEGPNGDLKGGKTILMRNLAHLQKTLDETGQYPEFSAEFDEWLAFN
IEMAWSHQNSDHIVDGNWAGQLLSGTYESWSSAAAVQALNGI
;
_entity_poly.pdbx_strand_id   A
#
# COMPACT_ATOMS: atom_id res chain seq x y z
N SER A 26 -21.66 -4.90 9.47
CA SER A 26 -20.31 -5.46 9.25
C SER A 26 -19.27 -4.60 9.96
N ASP A 27 -18.22 -5.23 10.47
CA ASP A 27 -17.20 -4.54 11.29
C ASP A 27 -16.54 -3.47 10.44
N GLY A 28 -16.24 -3.86 9.17
CA GLY A 28 -15.58 -2.97 8.20
C GLY A 28 -16.46 -1.80 7.87
N ASP A 29 -17.78 -1.97 7.94
CA ASP A 29 -18.75 -0.87 7.72
C ASP A 29 -18.63 0.22 8.82
N THR A 30 -18.79 -0.24 10.11
CA THR A 30 -18.80 0.68 11.29
C THR A 30 -17.52 1.49 11.19
N ALA A 31 -16.40 0.82 10.90
CA ALA A 31 -15.03 1.38 10.93
C ALA A 31 -14.88 2.45 9.84
N MET A 32 -15.29 2.14 8.62
CA MET A 32 -15.14 3.05 7.46
C MET A 32 -16.09 4.22 7.68
N LYS A 33 -17.34 3.98 8.10
CA LYS A 33 -18.29 5.09 8.26
C LYS A 33 -17.73 6.05 9.31
N ALA A 34 -17.22 5.50 10.42
CA ALA A 34 -16.69 6.28 11.54
C ALA A 34 -15.52 7.14 11.08
N PHE A 35 -14.60 6.50 10.34
CA PHE A 35 -13.43 7.17 9.75
C PHE A 35 -13.89 8.35 8.89
N ASN A 36 -14.87 8.11 8.00
CA ASN A 36 -15.43 9.20 7.14
C ASN A 36 -16.03 10.28 8.07
N ASP A 37 -16.88 9.91 9.04
CA ASP A 37 -17.54 10.90 9.93
C ASP A 37 -16.47 11.77 10.59
N THR A 38 -15.34 11.20 10.98
CA THR A 38 -14.33 11.92 11.78
C THR A 38 -13.44 12.76 10.83
N PHE A 39 -13.02 12.20 9.68
CA PHE A 39 -11.87 12.78 8.95
C PHE A 39 -12.25 13.25 7.54
N TRP A 40 -13.38 12.85 6.96
CA TRP A 40 -13.67 13.22 5.56
C TRP A 40 -14.19 14.66 5.54
N ASP A 41 -13.62 15.47 4.65
CA ASP A 41 -14.05 16.88 4.40
C ASP A 41 -14.80 16.94 3.07
N PRO A 42 -16.15 16.97 3.09
CA PRO A 42 -16.90 16.85 1.83
C PRO A 42 -16.79 18.12 0.98
N ASN A 43 -16.30 19.20 1.59
CA ASN A 43 -16.08 20.47 0.88
C ASN A 43 -14.84 20.38 0.00
N ALA A 44 -13.68 20.16 0.61
CA ALA A 44 -12.38 19.99 -0.11
C ALA A 44 -12.32 18.65 -0.84
N LYS A 45 -13.14 17.69 -0.47
CA LYS A 45 -13.08 16.29 -0.99
CA LYS A 45 -13.08 16.32 -1.07
C LYS A 45 -11.69 15.76 -0.74
N MET A 46 -11.25 15.94 0.50
N MET A 46 -11.28 15.91 0.50
CA MET A 46 -10.01 15.32 1.03
CA MET A 46 -10.04 15.30 1.05
C MET A 46 -10.25 14.89 2.48
C MET A 46 -10.28 14.86 2.49
N PHE A 47 -9.44 13.94 2.97
CA PHE A 47 -9.34 13.66 4.41
C PHE A 47 -8.59 14.80 5.12
N TRP A 48 -9.09 15.15 6.29
CA TRP A 48 -8.33 15.93 7.31
C TRP A 48 -7.13 15.07 7.78
N LYS A 49 -6.02 15.72 8.09
CA LYS A 49 -4.80 15.04 8.55
C LYS A 49 -5.05 14.55 9.97
N ASP A 50 -5.84 15.29 10.74
CA ASP A 50 -6.11 14.88 12.15
C ASP A 50 -7.43 15.50 12.62
N SER A 51 -7.80 15.22 13.85
CA SER A 51 -9.14 15.55 14.38
C SER A 51 -9.19 17.04 14.80
N LYS A 52 -8.09 17.79 14.68
CA LYS A 52 -8.09 19.28 14.84
C LYS A 52 -8.63 19.94 13.54
N ARG A 53 -8.75 19.16 12.46
CA ARG A 53 -9.27 19.61 11.14
C ARG A 53 -8.66 20.98 10.78
N GLU A 54 -7.32 21.07 10.82
CA GLU A 54 -6.56 22.30 10.48
C GLU A 54 -5.94 22.21 9.09
N LYS A 55 -5.42 21.03 8.74
CA LYS A 55 -4.66 20.73 7.51
C LYS A 55 -5.27 19.46 6.90
N HIS A 56 -5.36 19.38 5.59
CA HIS A 56 -5.72 18.10 4.90
C HIS A 56 -4.52 17.14 4.84
N GLN A 57 -4.83 15.88 4.61
CA GLN A 57 -3.79 14.82 4.60
C GLN A 57 -2.72 15.12 3.54
N ASP A 58 -1.50 14.67 3.79
CA ASP A 58 -0.38 14.69 2.83
C ASP A 58 -0.77 13.95 1.56
N PHE A 59 -0.23 14.41 0.44
CA PHE A 59 -0.50 13.90 -0.91
C PHE A 59 -0.39 12.35 -0.95
N TRP A 60 0.77 11.76 -0.61
CA TRP A 60 0.92 10.30 -0.81
C TRP A 60 0.00 9.50 0.09
N VAL A 61 -0.23 10.00 1.30
CA VAL A 61 -1.09 9.27 2.25
C VAL A 61 -2.51 9.33 1.72
N GLU A 62 -2.87 10.44 1.08
CA GLU A 62 -4.23 10.56 0.53
C GLU A 62 -4.46 9.48 -0.52
N ALA A 63 -3.43 9.08 -1.28
CA ALA A 63 -3.56 7.93 -2.24
C ALA A 63 -3.82 6.64 -1.45
N GLU A 64 -3.26 6.54 -0.26
CA GLU A 64 -3.39 5.31 0.57
C GLU A 64 -4.78 5.30 1.21
N LEU A 65 -5.34 6.48 1.55
CA LEU A 65 -6.73 6.52 2.03
C LEU A 65 -7.71 6.34 0.86
N TRP A 66 -7.31 6.72 -0.34
CA TRP A 66 -8.10 6.46 -1.57
C TRP A 66 -8.27 4.96 -1.73
N GLU A 67 -7.12 4.26 -1.66
CA GLU A 67 -7.16 2.78 -1.69
C GLU A 67 -7.99 2.19 -0.55
N LEU A 68 -7.96 2.78 0.64
CA LEU A 68 -8.79 2.31 1.77
C LEU A 68 -10.29 2.39 1.43
N VAL A 69 -10.70 3.47 0.77
CA VAL A 69 -12.12 3.67 0.36
C VAL A 69 -12.43 2.60 -0.70
N MET A 70 -11.51 2.32 -1.62
CA MET A 70 -11.72 1.27 -2.65
C MET A 70 -11.80 -0.11 -1.97
N ASP A 71 -10.96 -0.39 -0.96
CA ASP A 71 -11.04 -1.70 -0.25
C ASP A 71 -12.38 -1.83 0.48
N ALA A 72 -12.82 -0.78 1.16
CA ALA A 72 -14.13 -0.79 1.88
C ALA A 72 -15.26 -1.00 0.88
N TYR A 73 -15.17 -0.34 -0.27
CA TYR A 73 -16.12 -0.52 -1.38
C TYR A 73 -16.21 -2.01 -1.75
N GLN A 74 -15.06 -2.63 -1.92
CA GLN A 74 -15.00 -4.04 -2.36
C GLN A 74 -15.42 -4.97 -1.23
N HIS A 75 -15.24 -4.57 0.03
CA HIS A 75 -15.48 -5.49 1.19
C HIS A 75 -16.96 -5.51 1.63
N THR A 76 -17.62 -4.38 1.57
CA THR A 76 -18.94 -4.20 2.21
C THR A 76 -20.00 -4.99 1.44
N SER A 77 -21.10 -5.36 2.10
CA SER A 77 -22.26 -5.95 1.40
C SER A 77 -23.45 -5.09 1.78
N ASP A 78 -23.17 -3.95 2.42
CA ASP A 78 -24.21 -2.94 2.71
C ASP A 78 -24.38 -2.16 1.42
N PRO A 79 -25.51 -2.30 0.69
CA PRO A 79 -25.70 -1.72 -0.64
C PRO A 79 -25.65 -0.19 -0.68
N ALA A 80 -26.12 0.44 0.40
CA ALA A 80 -26.21 1.91 0.57
C ALA A 80 -24.80 2.46 0.78
N LEU A 81 -24.12 1.97 1.83
CA LEU A 81 -22.70 2.30 2.08
C LEU A 81 -21.89 2.05 0.80
N LYS A 82 -22.11 0.93 0.06
CA LYS A 82 -21.31 0.63 -1.17
C LYS A 82 -21.45 1.79 -2.19
N ALA A 83 -22.66 2.23 -2.53
CA ALA A 83 -22.89 3.22 -3.60
C ALA A 83 -22.27 4.56 -3.17
N GLU A 84 -22.24 4.81 -1.85
CA GLU A 84 -21.65 6.05 -1.28
C GLU A 84 -20.12 5.98 -1.35
N LEU A 85 -19.54 4.86 -0.94
CA LEU A 85 -18.09 4.71 -1.09
C LEU A 85 -17.71 4.77 -2.57
N LYS A 86 -18.59 4.37 -3.47
CA LYS A 86 -18.25 4.36 -4.91
C LYS A 86 -18.19 5.81 -5.44
N THR A 87 -19.12 6.70 -5.08
CA THR A 87 -19.02 8.16 -5.36
C THR A 87 -17.72 8.73 -4.73
N GLN A 88 -17.38 8.27 -3.53
CA GLN A 88 -16.21 8.81 -2.79
C GLN A 88 -14.92 8.45 -3.52
N ILE A 89 -14.90 7.33 -4.26
CA ILE A 89 -13.72 6.99 -5.10
C ILE A 89 -13.44 8.17 -6.03
N ASP A 90 -14.44 8.65 -6.74
CA ASP A 90 -14.27 9.78 -7.68
C ASP A 90 -13.91 11.05 -6.88
N ASP A 91 -14.60 11.31 -5.77
CA ASP A 91 -14.37 12.57 -5.00
C ASP A 91 -12.90 12.65 -4.53
N VAL A 92 -12.33 11.55 -4.03
CA VAL A 92 -10.93 11.61 -3.50
C VAL A 92 -9.98 12.06 -4.62
N TYR A 93 -10.14 11.52 -5.85
CA TYR A 93 -9.38 11.99 -7.04
C TYR A 93 -9.67 13.48 -7.29
N ASP A 94 -10.94 13.87 -7.36
CA ASP A 94 -11.27 15.24 -7.79
C ASP A 94 -10.71 16.25 -6.79
N GLY A 95 -10.72 15.94 -5.49
CA GLY A 95 -10.28 16.88 -4.46
C GLY A 95 -8.78 17.09 -4.54
N THR A 96 -8.04 16.01 -4.82
CA THR A 96 -6.57 16.09 -4.98
C THR A 96 -6.22 16.81 -6.28
N VAL A 97 -6.87 16.50 -7.40
CA VAL A 97 -6.64 17.20 -8.70
C VAL A 97 -7.03 18.68 -8.56
N ALA A 98 -8.08 19.02 -7.81
CA ALA A 98 -8.45 20.45 -7.67
C ALA A 98 -7.27 21.20 -7.04
N LYS A 99 -6.65 20.61 -6.02
CA LYS A 99 -5.56 21.25 -5.22
C LYS A 99 -4.28 21.25 -6.03
N TYR A 100 -3.90 20.09 -6.58
CA TYR A 100 -2.53 19.83 -7.11
C TYR A 100 -2.47 19.73 -8.64
N GLY A 101 -3.59 19.62 -9.33
CA GLY A 101 -3.59 19.48 -10.80
C GLY A 101 -3.52 18.01 -11.16
N GLN A 102 -3.60 17.70 -12.45
CA GLN A 102 -3.67 16.31 -12.98
C GLN A 102 -2.26 15.78 -13.18
N ASP A 103 -1.26 16.64 -13.33
CA ASP A 103 0.12 16.24 -13.74
C ASP A 103 1.01 16.31 -12.50
N TRP A 104 1.46 15.16 -12.00
CA TRP A 104 2.18 15.04 -10.73
C TRP A 104 3.67 14.85 -10.96
N THR A 105 4.08 14.85 -12.23
CA THR A 105 5.46 14.57 -12.67
C THR A 105 6.47 15.66 -12.27
N ASN A 106 6.04 16.81 -11.77
CA ASN A 106 6.89 17.83 -11.14
C ASN A 106 7.18 17.54 -9.65
N ASN A 107 6.55 16.52 -9.09
CA ASN A 107 6.82 16.12 -7.69
C ASN A 107 8.17 15.42 -7.70
N PRO A 108 9.17 15.87 -6.88
CA PRO A 108 10.52 15.29 -6.96
C PRO A 108 10.63 13.87 -6.40
N PHE A 109 9.64 13.40 -5.70
CA PHE A 109 9.64 12.05 -5.08
C PHE A 109 8.94 11.08 -6.03
N ASN A 110 9.71 10.18 -6.63
CA ASN A 110 9.12 9.16 -7.53
C ASN A 110 8.07 8.34 -6.78
N ASP A 111 8.28 8.12 -5.48
CA ASP A 111 7.25 7.41 -4.68
C ASP A 111 5.91 8.19 -4.61
N ASN A 112 5.97 9.53 -4.49
CA ASN A 112 4.71 10.30 -4.48
C ASN A 112 3.92 10.01 -5.74
N ILE A 113 4.60 10.04 -6.86
CA ILE A 113 3.99 9.83 -8.18
C ILE A 113 3.44 8.39 -8.24
N MET A 114 4.25 7.42 -7.79
CA MET A 114 3.87 6.00 -8.00
C MET A 114 2.70 5.64 -7.07
N TRP A 115 2.59 6.20 -5.88
CA TRP A 115 1.43 5.85 -5.01
C TRP A 115 0.13 6.25 -5.70
N TRP A 116 0.14 7.41 -6.34
CA TRP A 116 -1.06 7.90 -7.07
C TRP A 116 -1.26 7.13 -8.39
N ALA A 117 -0.19 6.74 -9.07
CA ALA A 117 -0.34 5.91 -10.29
C ALA A 117 -1.03 4.59 -9.92
N MET A 118 -0.58 3.97 -8.82
CA MET A 118 -1.17 2.69 -8.38
C MET A 118 -2.64 2.93 -8.03
N GLY A 119 -2.90 3.97 -7.23
CA GLY A 119 -4.29 4.21 -6.86
C GLY A 119 -5.16 4.40 -8.09
N SER A 120 -4.66 5.14 -9.07
CA SER A 120 -5.40 5.45 -10.30
C SER A 120 -5.68 4.15 -11.07
N ALA A 121 -4.71 3.23 -11.12
CA ALA A 121 -4.91 1.94 -11.79
C ALA A 121 -6.07 1.18 -11.12
N ARG A 122 -6.06 1.16 -9.79
CA ARG A 122 -7.17 0.53 -9.00
C ARG A 122 -8.50 1.22 -9.28
N ALA A 123 -8.52 2.55 -9.29
CA ALA A 123 -9.78 3.28 -9.58
C ALA A 123 -10.30 2.91 -10.99
N TYR A 124 -9.41 2.76 -11.97
CA TYR A 124 -9.81 2.28 -13.33
C TYR A 124 -10.46 0.89 -13.23
N GLN A 125 -9.88 -0.02 -12.44
CA GLN A 125 -10.43 -1.40 -12.39
C GLN A 125 -11.87 -1.35 -11.87
N ILE A 126 -12.14 -0.48 -10.92
CA ILE A 126 -13.44 -0.42 -10.22
C ILE A 126 -14.47 0.35 -11.06
N THR A 127 -14.09 1.52 -11.58
CA THR A 127 -15.01 2.50 -12.22
C THR A 127 -15.01 2.37 -13.75
N GLY A 128 -13.91 1.91 -14.38
CA GLY A 128 -13.78 1.86 -15.86
C GLY A 128 -13.73 3.25 -16.48
N ASN A 129 -13.49 4.29 -15.67
CA ASN A 129 -13.40 5.70 -16.14
C ASN A 129 -12.04 5.88 -16.83
N PRO A 130 -11.98 6.18 -18.14
CA PRO A 130 -10.71 6.26 -18.87
C PRO A 130 -9.71 7.27 -18.28
N ARG A 131 -10.19 8.32 -17.60
CA ARG A 131 -9.29 9.31 -16.94
C ARG A 131 -8.30 8.57 -16.00
N TYR A 132 -8.73 7.51 -15.31
CA TYR A 132 -7.91 6.86 -14.26
C TYR A 132 -6.84 6.02 -14.94
N LEU A 133 -7.19 5.36 -16.04
CA LEU A 133 -6.15 4.62 -16.81
C LEU A 133 -5.13 5.61 -17.36
N GLU A 134 -5.55 6.74 -17.92
CA GLU A 134 -4.59 7.73 -18.49
C GLU A 134 -3.67 8.20 -17.35
N ALA A 135 -4.20 8.45 -16.15
CA ALA A 135 -3.42 8.97 -15.00
C ALA A 135 -2.43 7.88 -14.57
N ALA A 136 -2.91 6.65 -14.48
CA ALA A 136 -2.06 5.55 -14.00
C ALA A 136 -0.94 5.36 -15.02
N ARG A 137 -1.30 5.20 -16.30
CA ARG A 137 -0.30 4.83 -17.32
C ARG A 137 0.72 5.97 -17.50
N ASP A 138 0.26 7.20 -17.62
CA ASP A 138 1.18 8.33 -17.89
C ASP A 138 2.15 8.51 -16.74
N HIS A 139 1.68 8.36 -15.50
CA HIS A 139 2.52 8.60 -14.30
C HIS A 139 3.47 7.40 -14.09
N PHE A 140 2.96 6.17 -14.27
CA PHE A 140 3.85 4.99 -14.24
C PHE A 140 4.92 5.16 -15.32
N ASP A 141 4.51 5.44 -16.57
CA ASP A 141 5.50 5.47 -17.68
C ASP A 141 6.56 6.54 -17.41
N PHE A 142 6.17 7.71 -16.91
CA PHE A 142 7.17 8.76 -16.59
C PHE A 142 8.22 8.19 -15.65
N VAL A 143 7.78 7.55 -14.58
CA VAL A 143 8.74 7.07 -13.54
C VAL A 143 9.57 5.93 -14.14
N TYR A 144 8.92 4.92 -14.72
CA TYR A 144 9.66 3.72 -15.15
C TYR A 144 10.61 4.10 -16.29
N ASP A 145 10.13 4.83 -17.27
CA ASP A 145 10.89 5.13 -18.50
C ASP A 145 12.09 6.03 -18.17
N THR A 146 11.92 7.01 -17.27
CA THR A 146 12.96 8.03 -17.00
C THR A 146 13.76 7.77 -15.72
N GLN A 147 13.28 6.96 -14.79
CA GLN A 147 13.89 6.83 -13.44
C GLN A 147 14.42 5.41 -13.19
N TRP A 148 14.01 4.40 -13.98
CA TRP A 148 14.74 3.10 -14.00
C TRP A 148 16.14 3.37 -14.52
N ASP A 149 17.13 2.84 -13.83
CA ASP A 149 18.55 3.03 -14.17
C ASP A 149 19.31 1.73 -13.95
N GLU A 150 20.24 1.46 -14.84
CA GLU A 150 21.14 0.29 -14.74
C GLU A 150 22.58 0.73 -14.52
N GLU A 151 22.89 2.02 -14.50
CA GLU A 151 24.29 2.49 -14.26
C GLU A 151 24.69 2.22 -12.79
N PHE A 152 23.75 2.41 -11.85
CA PHE A 152 23.98 2.07 -10.42
C PHE A 152 23.25 0.77 -10.05
N ALA A 153 24.03 -0.23 -9.60
CA ALA A 153 23.55 -1.46 -8.94
C ALA A 153 22.73 -2.33 -9.92
N ASN A 154 22.98 -2.21 -11.23
CA ASN A 154 22.42 -3.06 -12.32
C ASN A 154 20.91 -2.90 -12.46
N GLY A 155 20.32 -1.88 -11.88
CA GLY A 155 18.88 -1.74 -12.07
C GLY A 155 18.30 -0.94 -10.94
N GLY A 156 16.96 -0.89 -10.94
CA GLY A 156 16.18 -0.20 -9.91
C GLY A 156 15.84 1.24 -10.23
N ILE A 157 14.74 1.68 -9.66
CA ILE A 157 14.23 3.07 -9.81
C ILE A 157 14.78 3.94 -8.71
N TRP A 158 15.26 5.10 -9.11
CA TRP A 158 15.70 6.15 -8.18
C TRP A 158 14.56 6.58 -7.26
N TRP A 159 14.93 6.91 -6.04
CA TRP A 159 14.00 7.54 -5.08
C TRP A 159 13.44 8.84 -5.62
N LEU A 160 14.32 9.77 -5.94
CA LEU A 160 13.92 11.09 -6.46
C LEU A 160 14.17 11.23 -7.94
N ASN A 161 13.47 12.17 -8.59
CA ASN A 161 13.78 12.57 -9.98
C ASN A 161 14.58 13.88 -10.00
N SER A 162 14.84 14.47 -8.84
CA SER A 162 15.57 15.75 -8.68
C SER A 162 17.06 15.50 -8.47
N ASP A 163 17.36 14.42 -7.76
CA ASP A 163 18.74 13.99 -7.37
C ASP A 163 18.80 12.47 -7.40
N HIS A 164 19.92 11.91 -7.88
CA HIS A 164 20.00 10.44 -8.04
C HIS A 164 21.08 9.88 -7.12
N ASN A 165 20.72 9.54 -5.87
N ASN A 165 20.75 9.51 -5.88
CA ASN A 165 21.68 9.06 -4.83
CA ASN A 165 21.80 8.92 -4.99
C ASN A 165 21.27 7.74 -4.17
C ASN A 165 21.27 7.75 -4.15
N THR A 166 20.01 7.33 -4.32
CA THR A 166 19.47 6.19 -3.56
C THR A 166 18.28 5.59 -4.32
N LYS A 167 18.12 4.29 -4.21
CA LYS A 167 17.04 3.49 -4.80
C LYS A 167 16.34 2.81 -3.64
N ASN A 168 15.03 3.02 -3.53
CA ASN A 168 14.32 2.75 -2.26
C ASN A 168 13.20 1.73 -2.48
N ALA A 169 13.01 0.89 -1.49
CA ALA A 169 11.91 -0.08 -1.46
C ALA A 169 10.57 0.62 -1.68
N CYS A 170 10.42 1.83 -1.15
CA CYS A 170 9.08 2.51 -1.13
C CYS A 170 8.74 3.09 -2.51
N ILE A 171 9.67 3.08 -3.48
CA ILE A 171 9.34 3.35 -4.89
C ILE A 171 9.36 2.01 -5.66
N ASN A 172 10.38 1.15 -5.45
CA ASN A 172 10.50 -0.01 -6.35
C ASN A 172 9.39 -1.02 -6.20
N PHE A 173 9.01 -1.42 -4.99
CA PHE A 173 7.93 -2.44 -4.86
C PHE A 173 6.57 -1.85 -5.26
N PRO A 174 6.19 -0.64 -4.83
CA PRO A 174 4.91 -0.06 -5.33
C PRO A 174 4.94 0.13 -6.85
N ALA A 175 6.12 0.34 -7.49
CA ALA A 175 6.19 0.42 -8.96
C ALA A 175 5.86 -0.96 -9.55
N ALA A 176 6.40 -2.04 -8.97
CA ALA A 176 6.09 -3.40 -9.46
C ALA A 176 4.58 -3.63 -9.33
N GLN A 177 3.98 -3.17 -8.22
CA GLN A 177 2.52 -3.35 -8.00
C GLN A 177 1.75 -2.58 -9.07
N ALA A 178 2.08 -1.31 -9.27
CA ALA A 178 1.41 -0.48 -10.30
C ALA A 178 1.50 -1.13 -11.68
N ALA A 179 2.71 -1.65 -12.02
CA ALA A 179 2.91 -2.35 -13.31
C ALA A 179 2.00 -3.58 -13.37
N LEU A 180 1.86 -4.32 -12.28
CA LEU A 180 0.97 -5.49 -12.29
C LEU A 180 -0.49 -5.11 -12.52
N TYR A 181 -0.95 -4.02 -11.91
CA TYR A 181 -2.34 -3.53 -12.12
C TYR A 181 -2.47 -3.12 -13.59
N LEU A 182 -1.47 -2.41 -14.13
CA LEU A 182 -1.54 -1.96 -15.52
C LEU A 182 -1.56 -3.17 -16.42
N TYR A 183 -0.76 -4.20 -16.10
CA TYR A 183 -0.78 -5.45 -16.89
C TYR A 183 -2.19 -6.08 -16.89
N ASP A 184 -2.79 -6.19 -15.72
CA ASP A 184 -4.14 -6.78 -15.54
C ASP A 184 -5.15 -6.00 -16.40
N ILE A 185 -5.00 -4.68 -16.42
CA ILE A 185 -5.96 -3.79 -17.13
C ILE A 185 -5.76 -3.93 -18.64
N THR A 186 -4.51 -3.87 -19.12
CA THR A 186 -4.19 -3.61 -20.55
C THR A 186 -3.85 -4.92 -21.27
N LYS A 187 -3.41 -5.90 -20.49
CA LYS A 187 -2.79 -7.17 -20.96
CA LYS A 187 -2.80 -7.17 -20.97
C LYS A 187 -1.60 -6.85 -21.87
N ASP A 188 -1.05 -5.65 -21.73
CA ASP A 188 0.19 -5.27 -22.46
C ASP A 188 1.38 -5.86 -21.70
N GLU A 189 2.07 -6.81 -22.34
CA GLU A 189 3.15 -7.59 -21.69
C GLU A 189 4.30 -6.68 -21.25
N HIS A 190 4.46 -5.53 -21.89
CA HIS A 190 5.42 -4.51 -21.38
C HIS A 190 5.33 -4.36 -19.86
N TYR A 191 4.11 -4.24 -19.32
CA TYR A 191 3.93 -4.00 -17.87
C TYR A 191 4.27 -5.24 -17.08
N LEU A 192 4.02 -6.43 -17.62
CA LEU A 192 4.45 -7.64 -16.86
C LEU A 192 5.99 -7.72 -16.90
N ASN A 193 6.61 -7.38 -18.01
CA ASN A 193 8.08 -7.35 -18.12
C ASN A 193 8.64 -6.32 -17.10
N ALA A 194 7.99 -5.16 -16.99
CA ALA A 194 8.45 -4.15 -16.03
C ALA A 194 8.28 -4.68 -14.61
N ALA A 195 7.10 -5.21 -14.26
CA ALA A 195 6.90 -5.73 -12.89
C ALA A 195 8.04 -6.73 -12.56
N THR A 196 8.30 -7.63 -13.49
CA THR A 196 9.26 -8.73 -13.28
C THR A 196 10.66 -8.16 -13.07
N LYS A 197 11.06 -7.25 -13.95
CA LYS A 197 12.42 -6.68 -13.93
C LYS A 197 12.60 -5.94 -12.58
N ILE A 198 11.59 -5.17 -12.17
CA ILE A 198 11.70 -4.36 -10.94
C ILE A 198 11.76 -5.32 -9.76
N PHE A 199 10.81 -6.26 -9.69
CA PHE A 199 10.74 -7.17 -8.54
C PHE A 199 12.05 -7.99 -8.43
N ARG A 200 12.50 -8.57 -9.53
CA ARG A 200 13.72 -9.40 -9.46
C ARG A 200 14.87 -8.57 -8.93
N TRP A 201 15.08 -7.37 -9.47
CA TRP A 201 16.12 -6.43 -8.99
C TRP A 201 15.94 -6.16 -7.50
N GLY A 202 14.72 -5.82 -7.10
CA GLY A 202 14.50 -5.47 -5.71
C GLY A 202 14.73 -6.64 -4.78
N LYS A 203 14.33 -7.85 -5.18
CA LYS A 203 14.57 -9.01 -4.29
CA LYS A 203 14.58 -9.04 -4.34
C LYS A 203 16.10 -9.17 -4.13
N THR A 204 16.84 -8.99 -5.21
CA THR A 204 18.30 -9.18 -5.18
C THR A 204 18.97 -8.10 -4.31
N MET A 205 18.67 -6.82 -4.59
CA MET A 205 19.44 -5.69 -4.04
C MET A 205 18.80 -5.10 -2.79
N LEU A 206 17.48 -5.24 -2.64
CA LEU A 206 16.78 -4.68 -1.48
C LEU A 206 16.14 -5.72 -0.57
N THR A 207 16.59 -6.96 -0.58
CA THR A 207 16.21 -7.89 0.53
C THR A 207 17.41 -8.73 0.88
N ASP A 208 17.27 -9.46 1.99
CA ASP A 208 18.34 -10.40 2.40
C ASP A 208 18.17 -11.76 1.71
N GLY A 209 17.24 -11.88 0.76
CA GLY A 209 16.89 -13.12 0.05
C GLY A 209 16.04 -14.05 0.89
N ASN A 210 15.78 -13.70 2.17
CA ASN A 210 15.01 -14.54 3.11
C ASN A 210 13.79 -13.78 3.66
N GLY A 211 13.36 -12.72 2.98
CA GLY A 211 12.07 -12.07 3.24
C GLY A 211 12.18 -10.76 4.02
N LYS A 212 13.36 -10.35 4.46
CA LYS A 212 13.57 -9.04 5.10
C LYS A 212 13.87 -8.01 4.02
N VAL A 213 13.00 -7.04 3.90
CA VAL A 213 13.08 -5.99 2.85
C VAL A 213 13.84 -4.80 3.44
N PHE A 214 14.95 -4.47 2.79
CA PHE A 214 15.78 -3.29 3.13
C PHE A 214 15.09 -1.99 2.71
N ASP A 215 15.31 -0.96 3.51
CA ASP A 215 14.72 0.38 3.17
C ASP A 215 15.18 0.87 1.80
N ARG A 216 16.49 0.78 1.54
CA ARG A 216 17.09 1.47 0.38
C ARG A 216 18.52 0.98 0.16
N ILE A 217 19.05 1.36 -0.96
CA ILE A 217 20.50 1.20 -1.30
C ILE A 217 20.99 2.54 -1.83
N GLU A 218 21.99 3.06 -1.16
CA GLU A 218 22.56 4.40 -1.41
C GLU A 218 23.87 4.22 -2.18
N ILE A 219 24.21 5.15 -3.07
CA ILE A 219 25.46 5.08 -3.86
C ILE A 219 26.66 4.95 -2.91
N GLU A 220 26.75 5.79 -1.90
CA GLU A 220 28.01 5.90 -1.11
C GLU A 220 28.04 4.77 -0.07
N HIS A 221 26.97 4.64 0.67
CA HIS A 221 26.87 3.83 1.90
C HIS A 221 26.40 2.41 1.59
N GLY A 222 25.83 2.16 0.43
CA GLY A 222 25.26 0.84 0.12
C GLY A 222 23.91 0.58 0.79
N ALA A 223 23.63 -0.69 1.09
CA ALA A 223 22.29 -1.12 1.53
C ALA A 223 22.04 -0.60 2.94
N VAL A 224 20.79 -0.21 3.23
CA VAL A 224 20.34 0.18 4.59
C VAL A 224 19.27 -0.81 5.00
N PRO A 225 19.63 -1.79 5.86
CA PRO A 225 18.80 -2.97 6.10
C PRO A 225 17.80 -2.72 7.23
N ASP A 226 17.11 -1.59 7.11
CA ASP A 226 16.07 -1.18 8.08
C ASP A 226 14.73 -1.63 7.51
N ALA A 227 14.02 -2.52 8.19
CA ALA A 227 12.73 -3.08 7.73
C ALA A 227 11.57 -2.33 8.38
N THR A 228 10.51 -2.11 7.59
CA THR A 228 9.27 -1.47 8.09
C THR A 228 8.05 -2.16 7.53
N HIS A 229 6.92 -1.89 8.17
CA HIS A 229 5.66 -2.50 7.73
C HIS A 229 5.36 -2.22 6.26
N TYR A 230 5.48 -0.99 5.80
CA TYR A 230 4.99 -0.66 4.46
C TYR A 230 5.84 -1.31 3.36
N ASN A 231 7.15 -1.43 3.57
CA ASN A 231 8.06 -2.07 2.60
C ASN A 231 7.84 -3.59 2.65
N GLN A 232 7.71 -4.18 3.82
CA GLN A 232 7.25 -5.60 3.84
C GLN A 232 5.96 -5.75 3.00
N GLY A 233 5.02 -4.84 3.21
CA GLY A 233 3.71 -4.92 2.58
C GLY A 233 3.77 -4.88 1.05
N THR A 234 4.42 -3.87 0.47
CA THR A 234 4.45 -3.73 -1.01
C THR A 234 5.36 -4.82 -1.63
N TYR A 235 6.34 -5.33 -0.90
CA TYR A 235 7.09 -6.50 -1.42
C TYR A 235 6.14 -7.70 -1.47
N ILE A 236 5.36 -7.93 -0.40
CA ILE A 236 4.39 -9.08 -0.36
C ILE A 236 3.38 -8.94 -1.49
N GLY A 237 2.82 -7.73 -1.66
CA GLY A 237 1.79 -7.46 -2.67
C GLY A 237 2.31 -7.70 -4.08
N SER A 238 3.53 -7.24 -4.37
CA SER A 238 4.12 -7.39 -5.73
C SER A 238 4.41 -8.88 -5.94
N ALA A 239 4.88 -9.56 -4.91
CA ALA A 239 5.18 -11.01 -5.04
C ALA A 239 3.91 -11.79 -5.33
N VAL A 240 2.85 -11.54 -4.56
CA VAL A 240 1.52 -12.18 -4.78
C VAL A 240 1.01 -11.84 -6.18
N GLY A 241 1.09 -10.58 -6.60
CA GLY A 241 0.64 -10.20 -7.93
C GLY A 241 1.45 -10.87 -9.02
N LEU A 242 2.76 -11.04 -8.80
CA LEU A 242 3.57 -11.76 -9.82
C LEU A 242 3.18 -13.23 -9.85
N TYR A 243 2.93 -13.84 -8.70
CA TYR A 243 2.40 -15.21 -8.66
C TYR A 243 1.13 -15.27 -9.52
N LYS A 244 0.19 -14.34 -9.28
CA LYS A 244 -1.12 -14.35 -9.98
C LYS A 244 -0.92 -14.20 -11.50
N ALA A 245 -0.06 -13.29 -11.95
CA ALA A 245 0.22 -13.03 -13.38
C ALA A 245 0.97 -14.19 -14.06
N THR A 246 1.90 -14.85 -13.37
CA THR A 246 2.80 -15.83 -14.05
C THR A 246 2.51 -17.29 -13.67
N GLY A 247 1.82 -17.54 -12.55
CA GLY A 247 1.62 -18.89 -11.97
C GLY A 247 2.88 -19.47 -11.33
N ASN A 248 3.97 -18.71 -11.26
CA ASN A 248 5.28 -19.21 -10.75
C ASN A 248 5.23 -19.20 -9.23
N ALA A 249 5.18 -20.38 -8.61
CA ALA A 249 5.10 -20.55 -7.16
C ALA A 249 6.28 -19.88 -6.44
N VAL A 250 7.44 -19.67 -7.08
CA VAL A 250 8.57 -19.02 -6.36
C VAL A 250 8.11 -17.66 -5.80
N TYR A 251 7.22 -16.96 -6.52
CA TYR A 251 6.82 -15.60 -6.09
C TYR A 251 5.98 -15.71 -4.82
N LEU A 252 5.14 -16.71 -4.75
CA LEU A 252 4.38 -16.97 -3.52
C LEU A 252 5.31 -17.36 -2.37
N ASP A 253 6.32 -18.21 -2.63
CA ASP A 253 7.36 -18.50 -1.61
C ASP A 253 7.99 -17.19 -1.13
N ASP A 254 8.29 -16.27 -2.05
CA ASP A 254 8.90 -14.95 -1.69
C ASP A 254 7.96 -14.21 -0.75
N ALA A 255 6.65 -14.17 -1.07
CA ALA A 255 5.65 -13.47 -0.24
C ALA A 255 5.59 -14.10 1.12
N VAL A 256 5.51 -15.44 1.17
CA VAL A 256 5.40 -16.12 2.48
C VAL A 256 6.62 -15.82 3.35
N LYS A 257 7.81 -15.87 2.79
CA LYS A 257 9.07 -15.57 3.52
CA LYS A 257 9.05 -15.58 3.56
C LYS A 257 8.98 -14.16 4.11
N ALA A 258 8.51 -13.21 3.32
CA ALA A 258 8.39 -11.83 3.81
C ALA A 258 7.29 -11.72 4.88
N ALA A 259 6.19 -12.45 4.78
CA ALA A 259 5.09 -12.39 5.78
C ALA A 259 5.62 -13.02 7.08
N LYS A 260 6.43 -14.08 6.96
CA LYS A 260 6.99 -14.75 8.16
C LYS A 260 8.00 -13.81 8.84
N PHE A 261 8.85 -13.15 8.06
CA PHE A 261 9.75 -12.13 8.64
C PHE A 261 8.91 -11.12 9.47
N THR A 262 7.86 -10.58 8.85
CA THR A 262 7.05 -9.49 9.45
C THR A 262 6.47 -9.97 10.78
N LYS A 263 5.83 -11.13 10.78
CA LYS A 263 5.05 -11.60 11.94
C LYS A 263 5.98 -12.04 13.08
N ASN A 264 7.23 -12.34 12.79
CA ASN A 264 8.15 -12.75 13.86
C ASN A 264 9.07 -11.61 14.32
N HIS A 265 9.21 -10.54 13.53
CA HIS A 265 10.13 -9.43 13.83
C HIS A 265 9.44 -8.07 14.04
N LEU A 266 8.46 -7.71 13.22
CA LEU A 266 7.90 -6.31 13.31
C LEU A 266 6.67 -6.26 14.22
N VAL A 267 6.79 -6.92 15.39
CA VAL A 267 5.70 -7.16 16.36
C VAL A 267 6.29 -6.92 17.73
N ASP A 268 5.43 -6.69 18.71
CA ASP A 268 5.83 -6.69 20.13
C ASP A 268 5.89 -8.14 20.63
N SER A 269 6.22 -8.30 21.90
CA SER A 269 6.45 -9.64 22.48
C SER A 269 5.15 -10.43 22.61
N ASN A 270 3.99 -9.79 22.43
CA ASN A 270 2.67 -10.49 22.44
C ASN A 270 2.22 -10.77 20.99
N GLY A 271 3.02 -10.41 19.98
CA GLY A 271 2.69 -10.66 18.56
C GLY A 271 1.85 -9.57 17.93
N VAL A 272 1.61 -8.45 18.64
CA VAL A 272 0.84 -7.35 18.01
C VAL A 272 1.80 -6.59 17.11
N LEU A 273 1.40 -6.28 15.89
CA LEU A 273 2.21 -5.44 14.98
C LEU A 273 2.66 -4.17 15.71
N ASN A 274 3.91 -3.78 15.45
CA ASN A 274 4.57 -2.58 16.00
C ASN A 274 3.77 -1.32 15.71
N TYR A 275 3.94 -0.38 16.62
CA TYR A 275 3.56 1.02 16.32
C TYR A 275 4.85 1.70 15.88
N GLU A 276 4.91 2.22 14.66
CA GLU A 276 6.16 2.73 14.04
C GLU A 276 6.34 4.28 14.17
N GLY A 277 5.58 5.01 14.98
CA GLY A 277 6.01 6.40 15.24
C GLY A 277 7.48 6.55 15.73
N PRO A 278 7.98 7.80 15.84
CA PRO A 278 7.19 9.00 15.57
C PRO A 278 7.18 9.48 14.13
N ASN A 279 8.05 8.94 13.28
CA ASN A 279 8.04 9.33 11.85
C ASN A 279 6.61 9.29 11.31
N GLY A 280 6.19 10.39 10.71
CA GLY A 280 4.80 10.57 10.27
C GLY A 280 4.45 9.64 9.13
N ASP A 281 5.42 9.34 8.28
CA ASP A 281 5.20 8.45 7.12
C ASP A 281 5.05 7.00 7.60
N LEU A 282 5.80 6.61 8.61
CA LEU A 282 5.77 5.22 9.08
C LEU A 282 4.58 4.97 10.02
N LYS A 283 4.06 5.98 10.72
CA LYS A 283 2.95 5.83 11.71
C LYS A 283 1.80 4.96 11.23
N GLY A 284 1.36 5.18 9.99
CA GLY A 284 0.21 4.46 9.43
C GLY A 284 0.60 3.35 8.50
N GLY A 285 1.87 2.94 8.52
CA GLY A 285 2.37 1.91 7.59
C GLY A 285 1.61 0.60 7.73
N LYS A 286 1.11 0.28 8.92
CA LYS A 286 0.24 -0.90 9.12
C LYS A 286 -0.90 -0.92 8.09
N THR A 287 -1.38 0.23 7.61
CA THR A 287 -2.47 0.28 6.62
C THR A 287 -2.00 -0.46 5.37
N ILE A 288 -0.82 -0.10 4.87
CA ILE A 288 -0.30 -0.69 3.62
C ILE A 288 0.06 -2.17 3.89
N LEU A 289 0.61 -2.45 5.04
CA LEU A 289 0.90 -3.88 5.36
C LEU A 289 -0.37 -4.74 5.40
N MET A 290 -1.41 -4.32 6.12
CA MET A 290 -2.65 -5.10 6.21
C MET A 290 -3.28 -5.29 4.84
N ARG A 291 -3.30 -4.25 4.01
CA ARG A 291 -3.88 -4.36 2.69
C ARG A 291 -3.21 -5.51 1.92
N ASN A 292 -1.89 -5.58 2.00
CA ASN A 292 -1.12 -6.60 1.23
C ASN A 292 -1.12 -7.98 1.88
N LEU A 293 -1.16 -8.03 3.19
CA LEU A 293 -1.32 -9.31 3.91
C LEU A 293 -2.67 -9.92 3.54
N ALA A 294 -3.72 -9.12 3.41
CA ALA A 294 -5.01 -9.67 2.95
C ALA A 294 -4.88 -10.32 1.59
N HIS A 295 -4.10 -9.78 0.67
CA HIS A 295 -3.95 -10.41 -0.67
C HIS A 295 -3.33 -11.77 -0.48
N LEU A 296 -2.31 -11.83 0.36
CA LEU A 296 -1.62 -13.13 0.61
C LEU A 296 -2.59 -14.11 1.24
N GLN A 297 -3.37 -13.67 2.22
CA GLN A 297 -4.30 -14.55 2.93
C GLN A 297 -5.27 -15.11 1.89
N LYS A 298 -5.82 -14.27 1.01
CA LYS A 298 -6.81 -14.74 0.01
C LYS A 298 -6.15 -15.73 -0.93
N THR A 299 -4.93 -15.45 -1.39
CA THR A 299 -4.25 -16.38 -2.35
C THR A 299 -3.92 -17.73 -1.69
N LEU A 300 -3.42 -17.76 -0.46
CA LEU A 300 -3.18 -19.03 0.26
C LEU A 300 -4.51 -19.78 0.39
N ASP A 301 -5.59 -19.09 0.74
CA ASP A 301 -6.93 -19.72 0.96
C ASP A 301 -7.43 -20.33 -0.37
N GLU A 302 -7.16 -19.69 -1.53
CA GLU A 302 -7.64 -20.14 -2.87
C GLU A 302 -6.79 -21.28 -3.43
N THR A 303 -5.50 -21.36 -3.08
CA THR A 303 -4.51 -22.20 -3.78
C THR A 303 -4.14 -23.42 -2.94
N GLY A 304 -4.37 -23.37 -1.63
CA GLY A 304 -3.93 -24.37 -0.65
C GLY A 304 -2.41 -24.40 -0.49
N GLN A 305 -1.69 -23.41 -1.00
CA GLN A 305 -0.23 -23.25 -0.77
C GLN A 305 0.05 -23.04 0.72
N TYR A 306 1.15 -23.62 1.24
CA TYR A 306 1.72 -23.38 2.61
C TYR A 306 0.60 -23.50 3.66
N PRO A 307 -0.07 -24.66 3.76
CA PRO A 307 -1.21 -24.83 4.66
C PRO A 307 -0.88 -24.61 6.15
N GLU A 308 0.29 -25.12 6.61
CA GLU A 308 0.72 -24.98 8.03
C GLU A 308 0.82 -23.46 8.32
N PHE A 309 1.52 -22.76 7.46
CA PHE A 309 1.73 -21.30 7.64
C PHE A 309 0.39 -20.56 7.55
N SER A 310 -0.44 -20.93 6.58
CA SER A 310 -1.77 -20.32 6.36
C SER A 310 -2.54 -20.35 7.69
N ALA A 311 -2.58 -21.47 8.39
CA ALA A 311 -3.37 -21.59 9.62
C ALA A 311 -2.78 -20.63 10.68
N GLU A 312 -1.46 -20.64 10.86
CA GLU A 312 -0.74 -19.76 11.83
C GLU A 312 -0.99 -18.29 11.48
N PHE A 313 -0.82 -17.97 10.20
CA PHE A 313 -1.00 -16.60 9.64
C PHE A 313 -2.41 -16.09 9.93
N ASP A 314 -3.40 -16.92 9.67
CA ASP A 314 -4.81 -16.53 9.90
C ASP A 314 -5.06 -16.22 11.38
N GLU A 315 -4.54 -17.05 12.29
CA GLU A 315 -4.66 -16.92 13.76
C GLU A 315 -4.01 -15.59 14.17
N TRP A 316 -2.82 -15.33 13.66
CA TRP A 316 -2.03 -14.10 13.99
C TRP A 316 -2.78 -12.87 13.43
N LEU A 317 -3.30 -12.93 12.21
CA LEU A 317 -4.07 -11.78 11.64
C LEU A 317 -5.32 -11.53 12.49
N ALA A 318 -6.08 -12.57 12.80
CA ALA A 318 -7.33 -12.42 13.60
C ALA A 318 -6.99 -11.80 14.97
N PHE A 319 -5.92 -12.26 15.61
CA PHE A 319 -5.44 -11.69 16.88
C PHE A 319 -5.18 -10.18 16.72
N ASN A 320 -4.48 -9.79 15.66
CA ASN A 320 -4.11 -8.36 15.42
C ASN A 320 -5.39 -7.55 15.19
N ILE A 321 -6.30 -8.09 14.41
CA ILE A 321 -7.58 -7.40 14.10
C ILE A 321 -8.40 -7.23 15.37
N GLU A 322 -8.47 -8.28 16.18
N GLU A 322 -8.47 -8.23 16.25
CA GLU A 322 -9.17 -8.22 17.49
CA GLU A 322 -9.30 -8.09 17.49
C GLU A 322 -8.56 -7.10 18.33
C GLU A 322 -8.57 -7.18 18.48
N MET A 323 -7.25 -7.14 18.45
CA MET A 323 -6.49 -6.17 19.25
CA MET A 323 -6.51 -6.17 19.30
C MET A 323 -6.79 -4.73 18.80
N ALA A 324 -6.88 -4.52 17.49
CA ALA A 324 -7.20 -3.18 16.95
C ALA A 324 -8.64 -2.82 17.35
N TRP A 325 -9.57 -3.71 17.08
CA TRP A 325 -11.02 -3.55 17.42
C TRP A 325 -11.16 -3.12 18.90
N SER A 326 -10.47 -3.82 19.80
CA SER A 326 -10.56 -3.60 21.27
C SER A 326 -10.01 -2.21 21.66
N HIS A 327 -9.24 -1.60 20.75
CA HIS A 327 -8.57 -0.29 20.95
C HIS A 327 -9.45 0.89 20.46
N GLN A 328 -10.69 0.67 20.01
CA GLN A 328 -11.52 1.79 19.45
C GLN A 328 -12.01 2.71 20.56
N ASN A 329 -12.18 3.99 20.25
CA ASN A 329 -12.73 4.97 21.20
C ASN A 329 -14.26 4.98 21.03
N SER A 330 -14.95 5.89 21.72
CA SER A 330 -16.43 6.03 21.70
C SER A 330 -16.94 6.46 20.32
N ASP A 331 -16.10 7.01 19.43
CA ASP A 331 -16.46 7.34 18.02
C ASP A 331 -16.05 6.22 17.04
N HIS A 332 -15.56 5.08 17.56
CA HIS A 332 -15.18 3.88 16.81
C HIS A 332 -13.97 4.20 15.92
N ILE A 333 -13.07 5.05 16.41
CA ILE A 333 -11.76 5.34 15.78
C ILE A 333 -10.71 4.59 16.58
N VAL A 334 -9.71 4.09 15.88
CA VAL A 334 -8.63 3.33 16.53
C VAL A 334 -7.31 4.03 16.20
N ASP A 335 -6.60 4.54 17.20
CA ASP A 335 -5.25 5.13 17.06
C ASP A 335 -4.31 4.00 16.68
N GLY A 336 -3.21 4.34 16.04
CA GLY A 336 -2.25 3.34 15.53
C GLY A 336 -1.56 2.56 16.63
N ASN A 337 -1.66 2.95 17.90
CA ASN A 337 -0.90 2.22 18.96
C ASN A 337 -1.77 1.09 19.52
N TRP A 338 -1.96 0.02 18.73
CA TRP A 338 -2.99 -1.02 18.96
C TRP A 338 -2.82 -1.70 20.32
N ALA A 339 -1.58 -1.89 20.78
CA ALA A 339 -1.26 -2.54 22.08
C ALA A 339 -1.36 -1.51 23.21
N THR A 346 -6.16 14.12 20.38
CA THR A 346 -6.09 14.35 18.89
C THR A 346 -5.75 13.05 18.18
N TYR A 347 -6.61 12.63 17.27
CA TYR A 347 -6.40 11.42 16.44
C TYR A 347 -5.99 11.85 15.04
N GLU A 348 -5.05 11.08 14.46
CA GLU A 348 -4.49 11.34 13.11
C GLU A 348 -5.09 10.34 12.11
N SER A 349 -5.49 10.78 10.92
CA SER A 349 -6.17 9.90 9.94
C SER A 349 -5.19 8.79 9.44
N TRP A 350 -3.89 9.03 9.38
CA TRP A 350 -2.98 7.98 8.80
C TRP A 350 -2.82 6.87 9.83
N SER A 351 -2.44 7.17 11.08
N SER A 351 -2.45 7.22 11.06
CA SER A 351 -2.30 6.12 12.12
CA SER A 351 -2.32 6.28 12.19
C SER A 351 -3.64 5.42 12.35
C SER A 351 -3.62 5.47 12.34
N SER A 352 -4.77 6.12 12.26
CA SER A 352 -6.12 5.55 12.51
C SER A 352 -6.61 4.69 11.35
N ALA A 353 -6.02 4.85 10.18
CA ALA A 353 -6.50 4.14 8.98
C ALA A 353 -6.23 2.65 9.11
N ALA A 354 -5.15 2.27 9.80
CA ALA A 354 -4.70 0.86 9.82
C ALA A 354 -5.79 -0.07 10.32
N ALA A 355 -6.57 0.33 11.34
CA ALA A 355 -7.64 -0.53 11.90
C ALA A 355 -8.79 -0.70 10.89
N VAL A 356 -9.07 0.37 10.14
CA VAL A 356 -10.17 0.39 9.14
C VAL A 356 -9.77 -0.55 8.01
N GLN A 357 -8.50 -0.48 7.60
CA GLN A 357 -8.00 -1.36 6.52
C GLN A 357 -8.08 -2.83 7.00
N ALA A 358 -7.69 -3.07 8.24
CA ALA A 358 -7.67 -4.42 8.86
C ALA A 358 -9.07 -5.05 8.79
N LEU A 359 -10.13 -4.24 8.90
CA LEU A 359 -11.53 -4.73 8.97
C LEU A 359 -12.16 -4.74 7.57
N ASN A 360 -11.41 -4.34 6.53
CA ASN A 360 -11.85 -4.30 5.11
C ASN A 360 -10.87 -5.12 4.26
N GLY A 361 -10.39 -6.22 4.84
CA GLY A 361 -9.66 -7.27 4.12
C GLY A 361 -10.63 -8.25 3.51
#